data_3IAH
#
_entry.id   3IAH
#
_cell.length_a   158.664
_cell.length_b   43.302
_cell.length_c   71.916
_cell.angle_alpha   90.00
_cell.angle_beta   93.24
_cell.angle_gamma   90.00
#
_symmetry.space_group_name_H-M   'C 1 2 1'
#
loop_
_entity.id
_entity.type
_entity.pdbx_description
1 polymer 'Short Chain Dehydrogenase yciK'
2 non-polymer 'NADP NICOTINAMIDE-ADENINE-DINUCLEOTIDE PHOSPHATE'
3 non-polymer 'ACETATE ION'
4 non-polymer ETHANOL
5 non-polymer 'CHLORIDE ION'
6 water water
#
_entity_poly.entity_id   1
_entity_poly.type   'polypeptide(L)'
_entity_poly.pdbx_seq_one_letter_code
;SNA(MSE)HYQPKQDLLQNRIILVTGASDGIGREAALTYARYGATVILLGRNEEKLRRVAQHIADEQHVQPQWFTLDLLT
CTAEECRQVADRIAAHYPRLDGVLHNAGLLGEIGP(MSE)SEQDPQIWQDV(MSE)QVNVNATF(MSE)LTQALLPLLLK
SDAGSLVFTSSSVGRQGRANWGAYATSKFATEG(MSE)(MSE)QVLADEYQNRSLRVNCINPGGTRTS(MSE)RASAFPT
EDPQKLKTPADI(MSE)PLYLWL(MSE)GDDSRRKTG(MSE)TFDAQPGRKPGIAQ
;
_entity_poly.pdbx_strand_id   A,B
#
# COMPACT_ATOMS: atom_id res chain seq x y z
N HIS A 5 29.69 -7.77 -4.83
CA HIS A 5 30.97 -7.30 -5.35
C HIS A 5 30.91 -6.83 -6.80
N TYR A 6 29.72 -6.54 -7.30
CA TYR A 6 29.55 -6.11 -8.70
C TYR A 6 30.47 -4.92 -9.04
N GLN A 7 31.31 -5.12 -10.04
CA GLN A 7 32.26 -4.11 -10.52
C GLN A 7 32.25 -4.12 -12.04
N PRO A 8 31.21 -3.51 -12.62
CA PRO A 8 31.10 -3.50 -14.08
C PRO A 8 32.08 -2.56 -14.77
N LYS A 9 32.22 -2.71 -16.08
CA LYS A 9 33.08 -1.86 -16.88
C LYS A 9 32.46 -0.45 -16.80
N GLN A 10 33.30 0.57 -16.95
CA GLN A 10 32.88 1.97 -16.86
C GLN A 10 31.93 2.39 -18.01
N ASP A 11 31.79 1.53 -19.03
CA ASP A 11 30.90 1.82 -20.17
C ASP A 11 29.61 0.98 -20.13
N LEU A 12 29.31 0.41 -18.96
CA LEU A 12 28.12 -0.42 -18.78
C LEU A 12 26.82 0.19 -19.31
N LEU A 13 26.63 1.48 -19.07
CA LEU A 13 25.37 2.15 -19.45
C LEU A 13 25.48 3.10 -20.65
N GLN A 14 26.49 2.88 -21.47
CA GLN A 14 26.68 3.68 -22.67
C GLN A 14 25.47 3.44 -23.54
N ASN A 15 24.91 4.52 -24.08
N ASN A 15 24.90 4.52 -24.09
CA ASN A 15 23.73 4.49 -24.92
CA ASN A 15 23.72 4.47 -24.95
C ASN A 15 22.47 3.99 -24.20
C ASN A 15 22.46 4.01 -24.21
N ARG A 16 22.38 4.31 -22.91
CA ARG A 16 21.22 3.96 -22.09
C ARG A 16 20.68 5.26 -21.56
N ILE A 17 19.37 5.47 -21.74
CA ILE A 17 18.72 6.67 -21.28
C ILE A 17 18.04 6.27 -20.00
N ILE A 18 18.43 6.91 -18.88
CA ILE A 18 17.90 6.56 -17.57
C ILE A 18 17.38 7.76 -16.82
N LEU A 19 16.12 7.66 -16.39
CA LEU A 19 15.47 8.70 -15.62
C LEU A 19 15.50 8.36 -14.13
N VAL A 20 15.87 9.35 -13.33
CA VAL A 20 15.98 9.19 -11.88
C VAL A 20 15.12 10.25 -11.17
N THR A 21 14.18 9.83 -10.33
CA THR A 21 13.36 10.75 -9.57
C THR A 21 14.06 10.98 -8.23
N GLY A 22 13.76 12.10 -7.58
CA GLY A 22 14.41 12.45 -6.31
C GLY A 22 15.92 12.53 -6.56
N ALA A 23 16.29 13.08 -7.71
CA ALA A 23 17.69 13.19 -8.13
C ALA A 23 18.44 14.38 -7.54
N SER A 24 17.77 15.21 -6.75
CA SER A 24 18.38 16.40 -6.14
C SER A 24 19.10 16.21 -4.81
N ASP A 25 18.98 15.03 -4.20
CA ASP A 25 19.66 14.81 -2.95
C ASP A 25 19.72 13.34 -2.63
N GLY A 26 20.47 13.00 -1.59
CA GLY A 26 20.61 11.65 -1.11
C GLY A 26 20.89 10.58 -2.12
N ILE A 27 20.18 9.47 -2.00
CA ILE A 27 20.36 8.31 -2.90
C ILE A 27 20.12 8.64 -4.38
N GLY A 28 19.06 9.36 -4.69
CA GLY A 28 18.77 9.71 -6.10
C GLY A 28 19.89 10.51 -6.74
N ARG A 29 20.43 11.46 -5.99
N ARG A 29 20.43 11.47 -5.98
CA ARG A 29 21.54 12.29 -6.48
CA ARG A 29 21.53 12.28 -6.46
C ARG A 29 22.74 11.41 -6.81
C ARG A 29 22.74 11.42 -6.80
N GLU A 30 23.07 10.49 -5.90
CA GLU A 30 24.19 9.61 -6.08
C GLU A 30 23.93 8.69 -7.29
N ALA A 31 22.71 8.19 -7.41
CA ALA A 31 22.33 7.34 -8.55
C ALA A 31 22.54 8.09 -9.87
N ALA A 32 22.09 9.34 -9.91
CA ALA A 32 22.22 10.15 -11.12
C ALA A 32 23.70 10.33 -11.52
N LEU A 33 24.53 10.74 -10.55
CA LEU A 33 25.96 10.92 -10.76
C LEU A 33 26.62 9.62 -11.21
N THR A 34 26.28 8.52 -10.53
CA THR A 34 26.87 7.22 -10.82
C THR A 34 26.45 6.70 -12.20
N TYR A 35 25.17 6.78 -12.52
CA TYR A 35 24.75 6.33 -13.84
C TYR A 35 25.49 7.12 -14.95
N ALA A 36 25.67 8.44 -14.77
CA ALA A 36 26.37 9.27 -15.76
C ALA A 36 27.83 8.82 -15.91
N ARG A 37 28.46 8.50 -14.78
CA ARG A 37 29.84 8.03 -14.74
C ARG A 37 30.02 6.73 -15.48
N TYR A 38 28.96 5.91 -15.51
CA TYR A 38 29.00 4.62 -16.21
C TYR A 38 28.45 4.68 -17.64
N GLY A 39 28.36 5.90 -18.17
CA GLY A 39 27.96 6.11 -19.55
C GLY A 39 26.55 6.52 -19.90
N ALA A 40 25.62 6.48 -18.94
CA ALA A 40 24.25 6.82 -19.24
C ALA A 40 23.95 8.27 -19.59
N THR A 41 22.87 8.43 -20.34
CA THR A 41 22.29 9.72 -20.68
C THR A 41 21.24 9.81 -19.56
N VAL A 42 21.54 10.60 -18.53
CA VAL A 42 20.66 10.72 -17.37
C VAL A 42 19.64 11.85 -17.47
N ILE A 43 18.42 11.58 -17.00
CA ILE A 43 17.35 12.55 -16.96
C ILE A 43 17.04 12.69 -15.46
N LEU A 44 17.17 13.91 -14.95
N LEU A 44 17.20 13.90 -14.92
CA LEU A 44 16.95 14.19 -13.54
CA LEU A 44 16.95 14.11 -13.49
C LEU A 44 15.58 14.77 -13.23
C LEU A 44 15.60 14.75 -13.22
N LEU A 45 14.85 14.15 -12.32
CA LEU A 45 13.53 14.65 -11.89
C LEU A 45 13.59 15.00 -10.42
N GLY A 46 12.95 16.12 -10.08
CA GLY A 46 12.89 16.62 -8.73
C GLY A 46 11.90 17.76 -8.66
N ARG A 47 11.75 18.36 -7.50
CA ARG A 47 10.82 19.48 -7.33
C ARG A 47 11.56 20.80 -7.21
N ASN A 48 12.82 20.75 -6.79
CA ASN A 48 13.63 21.95 -6.58
C ASN A 48 14.57 22.19 -7.76
N GLU A 49 14.21 23.18 -8.56
CA GLU A 49 14.96 23.56 -9.74
C GLU A 49 16.44 23.87 -9.47
N GLU A 50 16.72 24.65 -8.42
CA GLU A 50 18.11 24.99 -8.10
C GLU A 50 18.91 23.77 -7.70
N LYS A 51 18.34 22.90 -6.87
CA LYS A 51 19.06 21.67 -6.48
C LYS A 51 19.35 20.81 -7.71
N LEU A 52 18.35 20.64 -8.58
CA LEU A 52 18.50 19.87 -9.81
C LEU A 52 19.58 20.43 -10.73
N ARG A 53 19.61 21.75 -10.87
CA ARG A 53 20.59 22.42 -11.71
C ARG A 53 21.99 22.14 -11.18
N ARG A 54 22.18 22.19 -9.86
CA ARG A 54 23.50 21.92 -9.28
C ARG A 54 23.96 20.50 -9.58
N VAL A 55 23.08 19.51 -9.41
CA VAL A 55 23.47 18.13 -9.71
C VAL A 55 23.83 17.98 -11.20
N ALA A 56 23.03 18.60 -12.08
CA ALA A 56 23.27 18.53 -13.54
C ALA A 56 24.64 19.11 -13.86
N GLN A 57 24.94 20.29 -13.29
N GLN A 57 24.93 20.29 -13.28
CA GLN A 57 26.24 20.94 -13.49
CA GLN A 57 26.21 20.94 -13.49
C GLN A 57 27.39 20.06 -13.01
C GLN A 57 27.38 20.07 -13.01
N HIS A 58 27.18 19.39 -11.88
CA HIS A 58 28.21 18.52 -11.31
C HIS A 58 28.53 17.35 -12.26
N ILE A 59 27.50 16.82 -12.93
CA ILE A 59 27.67 15.74 -13.90
C ILE A 59 28.33 16.32 -15.15
N ALA A 60 27.90 17.51 -15.55
CA ALA A 60 28.48 18.19 -16.72
C ALA A 60 29.97 18.45 -16.55
N ASP A 61 30.39 18.79 -15.33
CA ASP A 61 31.81 19.05 -15.04
C ASP A 61 32.70 17.82 -15.27
N GLU A 62 32.17 16.64 -14.97
CA GLU A 62 32.91 15.38 -15.13
C GLU A 62 32.72 14.70 -16.48
N GLN A 63 31.48 14.68 -16.97
CA GLN A 63 31.18 14.01 -18.24
C GLN A 63 31.26 14.94 -19.43
N HIS A 64 31.32 16.25 -19.18
CA HIS A 64 31.38 17.28 -20.23
C HIS A 64 30.12 17.27 -21.12
N VAL A 65 29.08 16.62 -20.62
CA VAL A 65 27.78 16.49 -21.28
C VAL A 65 26.75 16.77 -20.20
N GLN A 66 26.12 17.95 -20.25
CA GLN A 66 25.14 18.29 -19.23
C GLN A 66 23.80 17.59 -19.47
N PRO A 67 23.33 16.81 -18.46
CA PRO A 67 22.07 16.08 -18.56
C PRO A 67 20.88 17.00 -18.31
N GLN A 68 19.73 16.67 -18.89
CA GLN A 68 18.54 17.50 -18.70
C GLN A 68 17.81 17.14 -17.41
N TRP A 69 17.11 18.13 -16.88
CA TRP A 69 16.35 17.94 -15.67
C TRP A 69 14.93 18.47 -15.91
N PHE A 70 13.97 17.88 -15.19
CA PHE A 70 12.58 18.29 -15.29
C PHE A 70 12.01 18.44 -13.89
N THR A 71 11.26 19.50 -13.65
CA THR A 71 10.65 19.68 -12.34
C THR A 71 9.25 19.07 -12.36
N LEU A 72 8.94 18.33 -11.30
CA LEU A 72 7.65 17.68 -11.13
C LEU A 72 7.48 17.44 -9.64
N ASP A 73 6.53 18.13 -9.03
CA ASP A 73 6.29 17.95 -7.61
C ASP A 73 5.26 16.84 -7.49
N LEU A 74 5.68 15.71 -6.94
CA LEU A 74 4.82 14.53 -6.77
C LEU A 74 3.67 14.70 -5.78
N LEU A 75 3.79 15.67 -4.89
CA LEU A 75 2.77 15.92 -3.90
C LEU A 75 1.61 16.72 -4.48
N THR A 76 1.92 17.53 -5.49
CA THR A 76 0.93 18.40 -6.11
C THR A 76 0.55 18.12 -7.58
N CYS A 77 1.23 17.19 -8.25
CA CYS A 77 0.96 16.94 -9.68
C CYS A 77 -0.33 16.16 -9.99
N THR A 78 -0.90 16.46 -11.16
CA THR A 78 -2.11 15.81 -11.65
C THR A 78 -1.68 14.81 -12.71
N ALA A 79 -2.62 13.96 -13.15
CA ALA A 79 -2.31 12.97 -14.18
C ALA A 79 -1.84 13.70 -15.43
N GLU A 80 -2.46 14.84 -15.70
CA GLU A 80 -2.11 15.66 -16.85
C GLU A 80 -0.66 16.13 -16.75
N GLU A 81 -0.25 16.60 -15.59
CA GLU A 81 1.14 17.07 -15.42
C GLU A 81 2.17 15.94 -15.64
N CYS A 82 1.81 14.69 -15.31
CA CYS A 82 2.74 13.58 -15.55
C CYS A 82 2.85 13.33 -17.06
N ARG A 83 1.71 13.32 -17.74
CA ARG A 83 1.70 13.12 -19.19
C ARG A 83 2.47 14.25 -19.90
N GLN A 84 2.36 15.47 -19.40
N GLN A 84 2.38 15.46 -19.37
CA GLN A 84 3.08 16.60 -20.00
CA GLN A 84 3.06 16.61 -19.93
C GLN A 84 4.59 16.39 -19.87
C GLN A 84 4.58 16.38 -19.87
N VAL A 85 5.04 15.86 -18.74
CA VAL A 85 6.49 15.60 -18.55
C VAL A 85 6.92 14.45 -19.47
N ALA A 86 6.11 13.38 -19.56
CA ALA A 86 6.45 12.25 -20.45
C ALA A 86 6.46 12.76 -21.90
N ASP A 87 5.55 13.66 -22.23
CA ASP A 87 5.49 14.26 -23.57
C ASP A 87 6.76 15.08 -23.84
N ARG A 88 7.21 15.83 -22.83
CA ARG A 88 8.42 16.63 -22.96
C ARG A 88 9.63 15.72 -23.17
N ILE A 89 9.69 14.64 -22.40
CA ILE A 89 10.78 13.69 -22.53
C ILE A 89 10.76 13.04 -23.92
N ALA A 90 9.58 12.59 -24.37
CA ALA A 90 9.42 11.94 -25.69
C ALA A 90 9.83 12.86 -26.83
N ALA A 91 9.68 14.16 -26.63
CA ALA A 91 10.06 15.13 -27.64
C ALA A 91 11.57 15.10 -27.85
N HIS A 92 12.32 14.91 -26.76
CA HIS A 92 13.79 14.90 -26.82
C HIS A 92 14.49 13.55 -26.88
N TYR A 93 13.84 12.48 -26.38
CA TYR A 93 14.46 11.16 -26.37
C TYR A 93 13.55 10.11 -27.01
N PRO A 94 14.15 9.15 -27.72
CA PRO A 94 13.39 8.10 -28.42
C PRO A 94 12.86 6.96 -27.55
N ARG A 95 13.36 6.84 -26.32
CA ARG A 95 12.98 5.78 -25.41
C ARG A 95 13.53 6.06 -24.03
N LEU A 96 13.18 5.19 -23.08
CA LEU A 96 13.74 5.23 -21.74
C LEU A 96 14.19 3.80 -21.52
N ASP A 97 15.46 3.61 -21.21
CA ASP A 97 15.99 2.27 -20.94
C ASP A 97 15.86 1.95 -19.46
N GLY A 98 15.69 3.00 -18.65
CA GLY A 98 15.52 2.83 -17.22
C GLY A 98 14.79 3.97 -16.55
N VAL A 99 14.04 3.60 -15.52
CA VAL A 99 13.32 4.53 -14.66
C VAL A 99 13.54 4.08 -13.23
N LEU A 100 14.15 4.96 -12.44
CA LEU A 100 14.40 4.71 -11.02
C LEU A 100 13.47 5.61 -10.22
N HIS A 101 12.45 5.02 -9.62
CA HIS A 101 11.52 5.76 -8.76
C HIS A 101 12.15 5.78 -7.38
N ASN A 102 12.93 6.84 -7.15
CA ASN A 102 13.63 6.99 -5.88
C ASN A 102 12.97 7.96 -4.91
N ALA A 103 12.25 8.95 -5.43
CA ALA A 103 11.58 9.96 -4.63
C ALA A 103 10.67 9.34 -3.59
N GLY A 104 10.65 9.95 -2.43
CA GLY A 104 9.81 9.47 -1.35
C GLY A 104 9.68 10.49 -0.23
N LEU A 105 8.57 10.38 0.51
CA LEU A 105 8.30 11.25 1.65
C LEU A 105 8.16 10.34 2.88
N LEU A 106 8.80 10.71 3.98
CA LEU A 106 8.73 9.93 5.22
C LEU A 106 7.49 10.20 6.04
N GLY A 107 7.09 11.46 6.13
CA GLY A 107 5.97 11.85 6.97
C GLY A 107 6.60 12.01 8.35
N GLU A 108 5.84 11.73 9.40
CA GLU A 108 6.33 11.89 10.78
C GLU A 108 6.28 10.56 11.55
N ILE A 109 7.35 10.27 12.28
CA ILE A 109 7.45 9.04 13.08
C ILE A 109 6.55 9.24 14.30
N GLY A 110 5.63 8.31 14.51
CA GLY A 110 4.72 8.39 15.63
C GLY A 110 3.62 7.36 15.54
N PRO A 111 2.90 7.16 16.65
CA PRO A 111 1.85 6.15 16.64
C PRO A 111 0.65 6.49 15.78
N SER A 113 -2.43 6.31 16.49
CA SER A 113 -3.41 7.10 17.21
C SER A 113 -3.11 8.59 17.11
N GLU A 114 -1.85 8.94 16.84
CA GLU A 114 -1.41 10.32 16.77
C GLU A 114 -1.10 10.83 15.32
N GLN A 115 -1.06 9.94 14.33
CA GLN A 115 -0.74 10.31 12.92
C GLN A 115 -1.61 11.44 12.38
N ASP A 116 -0.98 12.46 11.79
CA ASP A 116 -1.72 13.59 11.23
C ASP A 116 -2.34 13.08 9.92
N PRO A 117 -3.69 13.11 9.80
CA PRO A 117 -4.29 12.59 8.56
C PRO A 117 -3.86 13.29 7.28
N GLN A 118 -3.47 14.57 7.36
CA GLN A 118 -3.04 15.28 6.15
C GLN A 118 -1.64 14.78 5.73
N ILE A 119 -0.76 14.57 6.71
CA ILE A 119 0.57 14.07 6.42
C ILE A 119 0.43 12.63 5.89
N TRP A 120 -0.47 11.86 6.49
CA TRP A 120 -0.69 10.49 6.01
C TRP A 120 -1.04 10.52 4.52
N GLN A 121 -2.01 11.36 4.15
CA GLN A 121 -2.41 11.50 2.75
C GLN A 121 -1.25 11.98 1.85
N ASP A 122 -0.42 12.89 2.36
CA ASP A 122 0.74 13.38 1.60
C ASP A 122 1.72 12.27 1.29
N VAL A 123 2.01 11.42 2.27
CA VAL A 123 2.93 10.31 2.10
C VAL A 123 2.38 9.34 1.05
N GLN A 125 0.24 10.06 -1.29
CA GLN A 125 0.19 10.75 -2.58
C GLN A 125 1.55 10.70 -3.30
N VAL A 126 2.63 11.01 -2.60
CA VAL A 126 3.96 10.98 -3.22
C VAL A 126 4.46 9.60 -3.50
N ASN A 127 4.43 8.76 -2.48
CA ASN A 127 4.98 7.43 -2.59
C ASN A 127 4.20 6.44 -3.41
N VAL A 128 2.89 6.58 -3.43
CA VAL A 128 2.05 5.63 -4.16
C VAL A 128 1.34 6.25 -5.38
N ASN A 129 0.44 7.19 -5.14
CA ASN A 129 -0.38 7.72 -6.23
C ASN A 129 0.37 8.42 -7.36
N ALA A 130 1.22 9.38 -7.01
CA ALA A 130 2.01 10.12 -8.00
C ALA A 130 3.05 9.20 -8.66
N THR A 131 3.62 8.28 -7.88
CA THR A 131 4.58 7.30 -8.39
C THR A 131 3.88 6.43 -9.44
N PHE A 132 2.62 6.07 -9.17
CA PHE A 132 1.81 5.32 -10.14
C PHE A 132 1.52 6.14 -11.39
N LEU A 134 3.11 8.74 -12.68
CA LEU A 134 4.33 8.94 -13.46
C LEU A 134 4.69 7.64 -14.19
N THR A 135 4.62 6.50 -13.48
CA THR A 135 4.89 5.21 -14.09
C THR A 135 4.04 5.02 -15.34
N GLN A 136 2.72 5.21 -15.20
CA GLN A 136 1.80 5.07 -16.30
C GLN A 136 2.20 5.96 -17.49
N ALA A 137 2.54 7.21 -17.20
CA ALA A 137 2.94 8.17 -18.24
C ALA A 137 4.23 7.72 -18.95
N LEU A 138 5.14 7.08 -18.23
CA LEU A 138 6.43 6.66 -18.80
C LEU A 138 6.47 5.25 -19.42
N LEU A 139 5.42 4.46 -19.27
CA LEU A 139 5.43 3.10 -19.82
C LEU A 139 5.69 3.05 -21.33
N PRO A 140 5.01 3.90 -22.15
CA PRO A 140 5.30 3.83 -23.59
C PRO A 140 6.78 4.00 -23.93
N LEU A 141 7.44 4.99 -23.33
CA LEU A 141 8.88 5.21 -23.54
C LEU A 141 9.70 4.01 -23.06
N LEU A 142 9.33 3.43 -21.92
CA LEU A 142 10.04 2.24 -21.39
C LEU A 142 9.93 1.05 -22.32
N LEU A 143 8.76 0.90 -22.95
N LEU A 143 8.77 0.88 -22.95
CA LEU A 143 8.53 -0.21 -23.87
CA LEU A 143 8.55 -0.24 -23.87
C LEU A 143 9.23 -0.04 -25.23
C LEU A 143 9.28 -0.07 -25.21
N LYS A 144 9.87 1.11 -25.46
CA LYS A 144 10.63 1.35 -26.71
C LYS A 144 12.07 0.87 -26.52
N SER A 145 12.44 0.59 -25.28
CA SER A 145 13.75 0.07 -24.96
C SER A 145 13.86 -1.42 -25.35
N ASP A 146 15.06 -1.88 -25.68
N ASP A 146 15.07 -1.87 -25.67
CA ASP A 146 15.27 -3.28 -26.03
CA ASP A 146 15.28 -3.27 -26.03
C ASP A 146 15.08 -4.16 -24.78
C ASP A 146 15.10 -4.16 -24.79
N ALA A 147 15.37 -3.58 -23.62
CA ALA A 147 15.24 -4.28 -22.34
C ALA A 147 15.15 -3.22 -21.25
N GLY A 148 13.97 -2.63 -21.09
CA GLY A 148 13.78 -1.59 -20.10
C GLY A 148 13.81 -2.11 -18.68
N SER A 149 14.25 -1.27 -17.76
CA SER A 149 14.32 -1.63 -16.35
C SER A 149 13.61 -0.55 -15.53
N LEU A 150 12.53 -0.96 -14.85
CA LEU A 150 11.75 -0.08 -13.98
C LEU A 150 12.05 -0.50 -12.55
N VAL A 151 12.48 0.45 -11.73
CA VAL A 151 12.85 0.16 -10.36
C VAL A 151 12.14 1.07 -9.37
N PHE A 152 11.47 0.46 -8.40
CA PHE A 152 10.80 1.18 -7.31
C PHE A 152 11.70 1.09 -6.05
N THR A 153 11.48 1.96 -5.09
CA THR A 153 12.32 1.95 -3.88
C THR A 153 11.44 1.60 -2.69
N SER A 154 11.80 0.51 -2.01
CA SER A 154 11.08 0.05 -0.84
C SER A 154 11.85 0.41 0.43
N SER A 155 11.64 -0.38 1.48
CA SER A 155 12.27 -0.22 2.78
C SER A 155 12.08 -1.50 3.57
N SER A 156 12.80 -1.68 4.66
CA SER A 156 12.60 -2.87 5.48
C SER A 156 11.14 -2.89 5.98
N VAL A 157 10.57 -1.71 6.27
CA VAL A 157 9.18 -1.61 6.76
C VAL A 157 8.14 -1.80 5.64
N GLY A 158 8.62 -2.08 4.41
CA GLY A 158 7.71 -2.39 3.30
C GLY A 158 7.53 -3.90 3.20
N ARG A 159 8.33 -4.65 3.99
CA ARG A 159 8.24 -6.12 4.05
C ARG A 159 7.64 -6.56 5.38
N GLN A 160 7.91 -5.82 6.44
CA GLN A 160 7.36 -6.10 7.76
C GLN A 160 7.07 -4.78 8.46
N GLY A 161 5.81 -4.51 8.75
CA GLY A 161 5.44 -3.26 9.40
C GLY A 161 5.92 -3.24 10.85
N ARG A 162 6.41 -2.09 11.28
CA ARG A 162 6.85 -1.89 12.66
C ARG A 162 6.18 -0.62 13.24
N ALA A 163 6.03 -0.61 14.56
CA ALA A 163 5.42 0.50 15.30
C ALA A 163 6.02 1.84 14.95
N ASN A 164 5.15 2.85 14.87
CA ASN A 164 5.53 4.25 14.59
C ASN A 164 5.88 4.62 13.15
N TRP A 165 5.86 3.64 12.24
CA TRP A 165 6.20 3.89 10.85
C TRP A 165 5.00 4.25 9.96
N GLY A 166 3.80 4.23 10.56
CA GLY A 166 2.54 4.60 9.95
C GLY A 166 2.36 4.65 8.45
N ALA A 167 2.15 5.86 7.92
CA ALA A 167 1.92 6.07 6.49
C ALA A 167 3.06 5.56 5.61
N TYR A 168 4.28 5.79 6.06
CA TYR A 168 5.45 5.37 5.30
C TYR A 168 5.52 3.88 5.11
N ALA A 169 5.38 3.11 6.20
CA ALA A 169 5.40 1.64 6.08
C ALA A 169 4.26 1.19 5.18
N THR A 170 3.08 1.77 5.38
CA THR A 170 1.91 1.44 4.57
C THR A 170 2.18 1.70 3.07
N SER A 171 2.84 2.83 2.77
CA SER A 171 3.15 3.23 1.40
C SER A 171 4.20 2.33 0.75
N LYS A 172 5.10 1.81 1.57
CA LYS A 172 6.17 0.92 1.07
C LYS A 172 5.60 -0.48 0.79
N PHE A 173 4.63 -0.92 1.59
CA PHE A 173 3.92 -2.18 1.30
C PHE A 173 3.22 -1.99 -0.07
N ALA A 174 2.55 -0.86 -0.21
CA ALA A 174 1.85 -0.53 -1.47
C ALA A 174 2.81 -0.58 -2.66
N THR A 175 4.01 -0.01 -2.45
CA THR A 175 5.07 0.00 -3.46
C THR A 175 5.40 -1.41 -3.92
N GLU A 176 5.64 -2.32 -2.97
CA GLU A 176 5.94 -3.73 -3.30
C GLU A 176 4.79 -4.33 -4.12
N GLY A 177 3.54 -4.07 -3.70
CA GLY A 177 2.37 -4.59 -4.43
C GLY A 177 2.27 -4.11 -5.86
N GLN A 180 4.86 -5.73 -8.04
CA GLN A 180 4.49 -7.09 -8.38
C GLN A 180 3.42 -7.14 -9.47
N VAL A 181 2.43 -6.24 -9.39
CA VAL A 181 1.41 -6.17 -10.43
C VAL A 181 2.08 -5.88 -11.78
N LEU A 182 2.90 -4.83 -11.81
CA LEU A 182 3.62 -4.43 -13.01
C LEU A 182 4.52 -5.52 -13.57
N ALA A 183 5.26 -6.20 -12.70
CA ALA A 183 6.16 -7.27 -13.12
C ALA A 183 5.38 -8.36 -13.84
N ASP A 184 4.23 -8.70 -13.25
CA ASP A 184 3.37 -9.76 -13.79
C ASP A 184 2.81 -9.33 -15.15
N GLU A 185 2.40 -8.07 -15.26
CA GLU A 185 1.85 -7.58 -16.53
C GLU A 185 2.87 -7.54 -17.68
N TYR A 186 4.12 -7.30 -17.36
CA TYR A 186 5.20 -7.16 -18.37
C TYR A 186 6.19 -8.30 -18.48
N GLN A 187 5.87 -9.43 -17.83
CA GLN A 187 6.80 -10.55 -17.84
C GLN A 187 7.07 -11.15 -19.24
N ASN A 188 6.11 -11.05 -20.15
CA ASN A 188 6.26 -11.52 -21.53
C ASN A 188 6.67 -10.42 -22.50
N ARG A 189 7.05 -9.28 -21.96
CA ARG A 189 7.48 -8.15 -22.77
C ARG A 189 8.92 -7.80 -22.41
N SER A 190 9.43 -6.73 -23.02
CA SER A 190 10.82 -6.28 -22.85
C SER A 190 11.17 -5.58 -21.53
N LEU A 191 10.17 -5.26 -20.72
CA LEU A 191 10.36 -4.55 -19.49
C LEU A 191 10.43 -5.42 -18.23
N ARG A 192 11.45 -5.19 -17.40
CA ARG A 192 11.60 -5.88 -16.12
C ARG A 192 11.27 -4.81 -15.07
N VAL A 193 10.69 -5.26 -13.97
CA VAL A 193 10.21 -4.40 -12.90
C VAL A 193 10.63 -5.05 -11.57
N ASN A 194 11.34 -4.29 -10.74
CA ASN A 194 11.85 -4.78 -9.46
C ASN A 194 11.87 -3.64 -8.43
N CYS A 195 12.14 -4.00 -7.18
CA CYS A 195 12.30 -3.04 -6.08
C CYS A 195 13.68 -3.16 -5.47
N ILE A 196 14.18 -2.04 -4.95
CA ILE A 196 15.45 -2.01 -4.20
C ILE A 196 15.15 -1.47 -2.81
N ASN A 197 15.67 -2.14 -1.79
CA ASN A 197 15.58 -1.67 -0.41
C ASN A 197 17.01 -1.21 -0.13
N PRO A 198 17.24 0.10 -0.09
CA PRO A 198 18.65 0.51 0.13
C PRO A 198 19.26 0.16 1.49
N GLY A 199 18.42 -0.01 2.49
CA GLY A 199 18.87 -0.29 3.86
C GLY A 199 19.20 1.07 4.44
N GLY A 200 19.56 1.10 5.72
CA GLY A 200 19.91 2.34 6.41
C GLY A 200 21.10 2.99 5.72
N THR A 201 20.88 4.16 5.12
CA THR A 201 21.90 4.88 4.36
C THR A 201 21.94 6.32 4.82
N ARG A 202 23.14 6.91 4.84
CA ARG A 202 23.36 8.27 5.34
C ARG A 202 22.75 9.36 4.47
N THR A 203 21.51 9.73 4.80
CA THR A 203 20.76 10.77 4.08
C THR A 203 19.94 11.56 5.09
N SER A 204 19.31 12.66 4.66
CA SER A 204 18.52 13.45 5.61
C SER A 204 17.23 12.72 6.04
N ARG A 206 16.88 9.54 6.47
CA ARG A 206 17.30 8.56 7.47
C ARG A 206 17.48 9.26 8.82
N ALA A 207 18.09 10.44 8.80
CA ALA A 207 18.30 11.20 10.05
C ALA A 207 16.95 11.60 10.67
N SER A 208 15.96 11.88 9.84
N SER A 208 15.95 11.90 9.84
CA SER A 208 14.64 12.25 10.31
CA SER A 208 14.63 12.26 10.34
C SER A 208 13.94 11.05 10.94
C SER A 208 13.93 11.04 10.96
N ALA A 209 14.18 9.86 10.37
CA ALA A 209 13.58 8.61 10.86
C ALA A 209 14.20 8.13 12.16
N PHE A 210 15.50 8.39 12.31
CA PHE A 210 16.25 7.99 13.51
C PHE A 210 17.08 9.17 14.03
N PRO A 211 16.42 10.11 14.73
CA PRO A 211 17.15 11.29 15.23
C PRO A 211 18.32 11.03 16.20
N THR A 212 18.37 9.89 16.86
CA THR A 212 19.47 9.60 17.79
C THR A 212 20.56 8.73 17.16
N GLU A 213 20.37 8.34 15.91
CA GLU A 213 21.35 7.50 15.23
C GLU A 213 22.58 8.29 14.83
N ASP A 214 23.74 7.66 14.95
CA ASP A 214 25.00 8.26 14.54
C ASP A 214 25.13 7.97 13.04
N PRO A 215 24.97 8.99 12.18
CA PRO A 215 25.03 8.72 10.72
C PRO A 215 26.37 8.19 10.21
N GLN A 216 27.45 8.44 10.93
CA GLN A 216 28.78 7.95 10.54
C GLN A 216 28.88 6.42 10.64
N LYS A 217 27.91 5.78 11.31
CA LYS A 217 27.88 4.32 11.40
C LYS A 217 27.12 3.69 10.22
N LEU A 218 26.61 4.52 9.31
CA LEU A 218 25.90 4.03 8.14
C LEU A 218 26.75 4.10 6.88
N LYS A 219 26.39 3.27 5.91
CA LYS A 219 27.03 3.30 4.61
C LYS A 219 26.46 4.55 3.93
N THR A 220 27.21 5.14 3.04
CA THR A 220 26.77 6.31 2.32
C THR A 220 26.05 5.88 1.04
N PRO A 221 25.37 6.82 0.37
CA PRO A 221 24.74 6.45 -0.89
C PRO A 221 25.78 5.87 -1.88
N ALA A 222 27.01 6.40 -1.87
CA ALA A 222 28.06 5.90 -2.76
C ALA A 222 28.32 4.41 -2.52
N ASP A 223 28.38 4.02 -1.24
CA ASP A 223 28.65 2.63 -0.85
C ASP A 223 27.61 1.60 -1.34
N ILE A 224 26.36 2.01 -1.53
CA ILE A 224 25.31 1.07 -1.95
C ILE A 224 25.02 1.08 -3.47
N PRO A 226 26.49 -0.42 -6.09
CA PRO A 226 26.58 -1.61 -6.95
C PRO A 226 25.26 -2.23 -7.39
N LEU A 227 24.28 -2.31 -6.48
CA LEU A 227 22.97 -2.87 -6.82
C LEU A 227 22.23 -1.95 -7.80
N TYR A 228 22.38 -0.64 -7.63
CA TYR A 228 21.75 0.35 -8.51
C TYR A 228 22.22 0.21 -9.96
N LEU A 229 23.52 0.00 -10.13
CA LEU A 229 24.11 -0.21 -11.47
C LEU A 229 23.66 -1.54 -12.03
N TRP A 230 23.74 -2.59 -11.21
CA TRP A 230 23.33 -3.92 -11.61
C TRP A 230 21.93 -3.98 -12.21
N LEU A 231 20.97 -3.36 -11.52
CA LEU A 231 19.58 -3.34 -11.99
C LEU A 231 19.33 -2.60 -13.29
N GLY A 233 21.86 -2.31 -15.77
CA GLY A 233 22.69 -2.93 -16.82
C GLY A 233 22.16 -4.28 -17.30
N ASP A 234 22.77 -4.79 -18.37
CA ASP A 234 22.34 -6.06 -18.98
C ASP A 234 22.45 -7.33 -18.11
N ASP A 235 23.21 -7.26 -17.03
CA ASP A 235 23.39 -8.44 -16.17
C ASP A 235 22.17 -8.86 -15.36
N SER A 236 21.17 -7.99 -15.27
CA SER A 236 19.93 -8.27 -14.53
C SER A 236 18.71 -8.44 -15.46
N ARG A 237 18.95 -8.62 -16.75
N ARG A 237 18.94 -8.60 -16.76
CA ARG A 237 17.85 -8.71 -17.72
CA ARG A 237 17.86 -8.73 -17.73
C ARG A 237 16.84 -9.86 -17.56
C ARG A 237 16.82 -9.85 -17.53
N ARG A 238 17.20 -10.92 -16.84
CA ARG A 238 16.27 -12.03 -16.62
C ARG A 238 15.63 -12.03 -15.22
N LYS A 239 15.74 -10.91 -14.52
CA LYS A 239 15.18 -10.78 -13.19
C LYS A 239 14.02 -9.82 -13.20
N THR A 240 12.87 -10.25 -12.69
CA THR A 240 11.70 -9.37 -12.62
C THR A 240 10.81 -9.81 -11.47
N GLY A 241 10.08 -8.87 -10.90
CA GLY A 241 9.16 -9.13 -9.80
C GLY A 241 9.80 -9.38 -8.44
N THR A 243 12.40 -8.13 -5.05
CA THR A 243 12.73 -7.00 -4.18
C THR A 243 14.15 -7.35 -3.66
N PHE A 244 15.12 -6.48 -3.96
CA PHE A 244 16.51 -6.69 -3.59
C PHE A 244 16.98 -5.79 -2.47
N ASP A 245 17.83 -6.32 -1.60
CA ASP A 245 18.40 -5.55 -0.50
C ASP A 245 19.80 -5.12 -0.87
N ALA A 246 20.10 -3.83 -0.79
CA ALA A 246 21.43 -3.32 -1.11
C ALA A 246 22.41 -3.69 0.01
N GLN A 247 21.89 -3.86 1.23
CA GLN A 247 22.70 -4.24 2.38
C GLN A 247 22.15 -5.51 3.03
N PRO A 248 22.31 -6.66 2.36
CA PRO A 248 21.77 -7.93 2.89
C PRO A 248 22.36 -8.38 4.25
N GLY A 249 23.58 -7.99 4.56
CA GLY A 249 24.20 -8.37 5.82
C GLY A 249 23.96 -7.40 6.97
N ARG A 250 22.94 -6.54 6.87
CA ARG A 250 22.67 -5.57 7.92
C ARG A 250 21.30 -5.80 8.56
N LYS A 251 21.29 -5.85 9.88
CA LYS A 251 20.09 -6.06 10.67
C LYS A 251 19.21 -4.81 10.58
N PRO A 252 17.95 -4.93 10.11
CA PRO A 252 17.14 -3.73 10.03
C PRO A 252 16.99 -3.04 11.38
N GLY A 253 17.03 -1.72 11.36
CA GLY A 253 16.87 -0.90 12.57
C GLY A 253 18.01 0.10 12.72
N ILE A 254 18.01 0.78 13.86
CA ILE A 254 19.02 1.78 14.16
C ILE A 254 20.41 1.18 14.18
N ALA A 255 21.39 1.97 13.72
CA ALA A 255 22.79 1.55 13.71
C ALA A 255 23.22 1.49 15.16
N GLN A 256 23.92 0.42 15.52
CA GLN A 256 24.39 0.23 16.90
C GLN A 256 25.89 0.46 16.97
N HIS B 5 -13.81 -26.76 11.19
CA HIS B 5 -13.32 -27.40 12.45
C HIS B 5 -13.63 -26.54 13.67
N TYR B 6 -13.95 -25.26 13.48
CA TYR B 6 -14.26 -24.37 14.60
C TYR B 6 -15.77 -24.19 14.75
N GLN B 7 -16.31 -24.77 15.82
CA GLN B 7 -17.74 -24.70 16.13
C GLN B 7 -17.97 -24.11 17.52
N PRO B 8 -17.92 -22.78 17.63
CA PRO B 8 -18.10 -22.14 18.94
C PRO B 8 -19.53 -22.21 19.48
N LYS B 9 -19.68 -21.99 20.77
CA LYS B 9 -21.00 -21.99 21.40
C LYS B 9 -21.83 -20.84 20.82
N GLN B 10 -23.14 -20.99 20.86
CA GLN B 10 -24.03 -19.98 20.27
C GLN B 10 -23.95 -18.63 21.00
N ASP B 11 -23.38 -18.58 22.21
CA ASP B 11 -23.27 -17.32 22.94
C ASP B 11 -21.83 -16.80 22.99
N LEU B 12 -20.99 -17.26 22.06
CA LEU B 12 -19.59 -16.83 21.98
C LEU B 12 -19.39 -15.32 22.14
N LEU B 13 -20.24 -14.54 21.47
CA LEU B 13 -20.11 -13.08 21.48
C LEU B 13 -21.13 -12.33 22.34
N GLN B 14 -21.75 -13.03 23.28
CA GLN B 14 -22.73 -12.42 24.16
C GLN B 14 -22.05 -11.25 24.89
N ASN B 15 -22.72 -10.11 24.88
CA ASN B 15 -22.23 -8.87 25.53
C ASN B 15 -21.05 -8.18 24.83
N ARG B 16 -20.72 -8.61 23.62
N ARG B 16 -20.76 -8.58 23.60
CA ARG B 16 -19.64 -7.97 22.88
CA ARG B 16 -19.67 -7.99 22.82
C ARG B 16 -20.28 -6.99 21.89
C ARG B 16 -20.27 -6.99 21.84
N ILE B 17 -19.75 -5.77 21.85
CA ILE B 17 -20.23 -4.71 20.96
C ILE B 17 -19.26 -4.72 19.78
N ILE B 18 -19.78 -5.08 18.61
CA ILE B 18 -18.97 -5.20 17.40
C ILE B 18 -19.45 -4.35 16.25
N LEU B 19 -18.57 -3.52 15.70
CA LEU B 19 -18.89 -2.67 14.57
C LEU B 19 -18.42 -3.36 13.27
N VAL B 20 -19.28 -3.37 12.26
CA VAL B 20 -18.98 -3.97 10.96
C VAL B 20 -19.18 -2.94 9.85
N THR B 21 -18.11 -2.65 9.08
CA THR B 21 -18.18 -1.72 7.94
C THR B 21 -18.53 -2.57 6.71
N GLY B 22 -19.14 -1.95 5.71
CA GLY B 22 -19.59 -2.69 4.53
C GLY B 22 -20.61 -3.76 4.95
N ALA B 23 -21.44 -3.38 5.93
CA ALA B 23 -22.45 -4.27 6.51
C ALA B 23 -23.70 -4.41 5.67
N SER B 24 -23.81 -3.60 4.62
CA SER B 24 -24.97 -3.59 3.74
C SER B 24 -25.01 -4.65 2.66
N ASP B 25 -23.94 -5.42 2.46
CA ASP B 25 -23.99 -6.43 1.43
C ASP B 25 -22.84 -7.40 1.62
N GLY B 26 -22.88 -8.45 0.84
CA GLY B 26 -21.83 -9.48 0.81
C GLY B 26 -21.35 -10.03 2.13
N ILE B 27 -20.04 -10.11 2.27
CA ILE B 27 -19.40 -10.65 3.45
C ILE B 27 -19.74 -9.88 4.73
N GLY B 28 -19.72 -8.54 4.67
CA GLY B 28 -20.00 -7.70 5.85
C GLY B 28 -21.44 -7.91 6.36
N ARG B 29 -22.37 -8.01 5.43
CA ARG B 29 -23.75 -8.30 5.78
C ARG B 29 -23.82 -9.64 6.52
N GLU B 30 -23.19 -10.67 5.96
CA GLU B 30 -23.21 -11.99 6.60
C GLU B 30 -22.54 -11.93 7.99
N ALA B 31 -21.42 -11.20 8.09
CA ALA B 31 -20.72 -11.05 9.35
C ALA B 31 -21.63 -10.39 10.39
N ALA B 32 -22.35 -9.34 9.99
CA ALA B 32 -23.27 -8.67 10.92
C ALA B 32 -24.36 -9.62 11.41
N LEU B 33 -24.98 -10.33 10.48
CA LEU B 33 -26.02 -11.30 10.81
C LEU B 33 -25.48 -12.41 11.73
N THR B 34 -24.30 -12.91 11.39
CA THR B 34 -23.70 -14.00 12.14
C THR B 34 -23.27 -13.54 13.53
N TYR B 35 -22.62 -12.38 13.62
CA TYR B 35 -22.23 -11.91 14.95
C TYR B 35 -23.46 -11.74 15.88
N ALA B 36 -24.54 -11.24 15.32
CA ALA B 36 -25.78 -11.07 16.09
C ALA B 36 -26.33 -12.45 16.52
N ARG B 37 -26.25 -13.44 15.63
CA ARG B 37 -26.72 -14.80 15.94
C ARG B 37 -25.91 -15.43 17.07
N TYR B 38 -24.67 -14.98 17.22
CA TYR B 38 -23.77 -15.45 18.26
C TYR B 38 -23.73 -14.55 19.52
N GLY B 39 -24.77 -13.73 19.66
CA GLY B 39 -24.97 -12.87 20.83
C GLY B 39 -24.45 -11.45 20.89
N ALA B 40 -23.79 -10.99 19.86
CA ALA B 40 -23.22 -9.65 19.87
C ALA B 40 -24.21 -8.53 19.64
N THR B 41 -23.83 -7.35 20.14
CA THR B 41 -24.56 -6.11 19.93
C THR B 41 -23.81 -5.58 18.70
N VAL B 42 -24.43 -5.67 17.53
CA VAL B 42 -23.80 -5.24 16.30
C VAL B 42 -24.16 -3.82 15.89
N ILE B 43 -23.16 -3.10 15.37
CA ILE B 43 -23.32 -1.74 14.84
C ILE B 43 -22.98 -1.88 13.35
N LEU B 44 -23.90 -1.44 12.51
N LEU B 44 -23.90 -1.47 12.49
CA LEU B 44 -23.78 -1.55 11.07
CA LEU B 44 -23.71 -1.60 11.07
C LEU B 44 -23.32 -0.25 10.42
C LEU B 44 -23.33 -0.28 10.40
N LEU B 45 -22.25 -0.31 9.63
CA LEU B 45 -21.76 0.85 8.86
C LEU B 45 -21.80 0.54 7.36
N GLY B 46 -22.20 1.55 6.59
CA GLY B 46 -22.28 1.45 5.14
C GLY B 46 -22.58 2.82 4.58
N ARG B 47 -22.74 2.91 3.27
CA ARG B 47 -23.06 4.19 2.65
C ARG B 47 -24.51 4.26 2.18
N ASN B 48 -25.15 3.11 1.94
CA ASN B 48 -26.53 3.04 1.45
C ASN B 48 -27.54 2.77 2.58
N GLU B 49 -28.28 3.82 2.94
N GLU B 49 -28.29 3.80 2.98
CA GLU B 49 -29.30 3.75 4.00
CA GLU B 49 -29.28 3.68 4.06
C GLU B 49 -30.34 2.64 3.85
C GLU B 49 -30.36 2.62 3.86
N GLU B 50 -30.91 2.52 2.67
CA GLU B 50 -31.96 1.49 2.44
C GLU B 50 -31.43 0.08 2.59
N LYS B 51 -30.19 -0.18 2.15
CA LYS B 51 -29.58 -1.50 2.31
C LYS B 51 -29.29 -1.77 3.79
N LEU B 52 -28.77 -0.77 4.51
CA LEU B 52 -28.47 -0.90 5.94
C LEU B 52 -29.73 -1.16 6.75
N ARG B 53 -30.81 -0.42 6.45
CA ARG B 53 -32.07 -0.61 7.18
C ARG B 53 -32.59 -2.03 6.96
N ARG B 54 -32.40 -2.56 5.75
CA ARG B 54 -32.82 -3.92 5.43
C ARG B 54 -32.06 -4.96 6.26
N VAL B 55 -30.74 -4.85 6.37
CA VAL B 55 -29.93 -5.78 7.16
C VAL B 55 -30.32 -5.67 8.64
N ALA B 56 -30.53 -4.43 9.11
CA ALA B 56 -30.91 -4.21 10.52
C ALA B 56 -32.28 -4.85 10.83
N GLN B 57 -33.22 -4.78 9.90
CA GLN B 57 -34.55 -5.36 10.08
C GLN B 57 -34.44 -6.88 10.11
N HIS B 58 -33.54 -7.45 9.31
CA HIS B 58 -33.33 -8.90 9.26
C HIS B 58 -32.83 -9.36 10.64
N ILE B 59 -31.89 -8.59 11.20
CA ILE B 59 -31.35 -8.91 12.52
C ILE B 59 -32.43 -8.75 13.61
N ALA B 60 -33.23 -7.67 13.54
CA ALA B 60 -34.29 -7.43 14.53
C ALA B 60 -35.34 -8.55 14.50
N ASP B 61 -35.66 -9.06 13.32
CA ASP B 61 -36.63 -10.14 13.17
C ASP B 61 -36.13 -11.40 13.89
N GLU B 62 -34.83 -11.67 13.83
CA GLU B 62 -34.25 -12.84 14.48
C GLU B 62 -33.85 -12.67 15.94
N GLN B 63 -33.29 -11.52 16.30
CA GLN B 63 -32.83 -11.28 17.67
C GLN B 63 -33.79 -10.49 18.53
N HIS B 64 -34.83 -9.95 17.90
CA HIS B 64 -35.86 -9.16 18.58
C HIS B 64 -35.31 -7.88 19.22
N VAL B 65 -34.19 -7.39 18.67
CA VAL B 65 -33.53 -6.17 19.11
C VAL B 65 -33.01 -5.51 17.84
N GLN B 66 -33.38 -4.25 17.62
CA GLN B 66 -32.97 -3.49 16.44
C GLN B 66 -31.54 -2.96 16.59
N PRO B 67 -30.59 -3.43 15.74
CA PRO B 67 -29.24 -2.88 15.89
C PRO B 67 -29.18 -1.53 15.24
N GLN B 68 -28.27 -0.68 15.70
CA GLN B 68 -28.12 0.65 15.12
C GLN B 68 -27.20 0.63 13.92
N TRP B 69 -27.49 1.54 13.00
CA TRP B 69 -26.70 1.70 11.79
C TRP B 69 -26.33 3.16 11.63
N PHE B 70 -25.22 3.38 10.92
CA PHE B 70 -24.70 4.71 10.64
C PHE B 70 -24.21 4.73 9.20
N THR B 71 -24.54 5.79 8.47
CA THR B 71 -24.10 5.91 7.10
C THR B 71 -22.83 6.75 7.12
N LEU B 72 -21.85 6.32 6.35
CA LEU B 72 -20.59 7.03 6.25
C LEU B 72 -19.99 6.59 4.94
N ASP B 73 -19.77 7.55 4.03
CA ASP B 73 -19.17 7.24 2.74
C ASP B 73 -17.67 7.46 2.91
N LEU B 74 -16.93 6.37 2.90
CA LEU B 74 -15.49 6.39 3.06
C LEU B 74 -14.75 7.11 1.93
N LEU B 75 -15.40 7.26 0.77
CA LEU B 75 -14.74 7.93 -0.35
C LEU B 75 -14.72 9.44 -0.18
N THR B 76 -15.80 10.00 0.33
CA THR B 76 -15.90 11.45 0.50
C THR B 76 -15.73 11.95 1.94
N CYS B 77 -15.61 11.06 2.93
CA CYS B 77 -15.50 11.55 4.31
C CYS B 77 -14.18 12.28 4.56
N THR B 78 -14.30 13.50 5.09
CA THR B 78 -13.12 14.28 5.43
C THR B 78 -12.61 13.74 6.76
N ALA B 79 -11.42 14.18 7.18
CA ALA B 79 -10.86 13.71 8.44
C ALA B 79 -11.90 13.81 9.56
N GLU B 80 -12.51 14.98 9.70
CA GLU B 80 -13.53 15.22 10.73
C GLU B 80 -14.81 14.39 10.59
N GLU B 81 -15.21 14.07 9.36
CA GLU B 81 -16.43 13.26 9.15
C GLU B 81 -16.36 11.81 9.71
N CYS B 82 -15.16 11.32 10.08
CA CYS B 82 -15.04 9.98 10.69
C CYS B 82 -15.17 10.07 12.20
N ARG B 83 -14.55 11.10 12.79
N ARG B 83 -14.57 11.10 12.79
CA ARG B 83 -14.61 11.34 14.23
CA ARG B 83 -14.61 11.30 14.24
C ARG B 83 -16.04 11.61 14.68
C ARG B 83 -16.04 11.65 14.70
N GLN B 84 -16.86 12.18 13.78
CA GLN B 84 -18.25 12.48 14.09
C GLN B 84 -18.98 11.16 14.27
N VAL B 85 -18.67 10.18 13.44
CA VAL B 85 -19.29 8.87 13.56
C VAL B 85 -18.90 8.22 14.88
N ALA B 86 -17.64 8.36 15.30
CA ALA B 86 -17.17 7.78 16.57
C ALA B 86 -17.91 8.45 17.75
N ASP B 87 -18.15 9.75 17.65
CA ASP B 87 -18.87 10.48 18.71
C ASP B 87 -20.32 9.99 18.83
N ARG B 88 -20.95 9.72 17.70
CA ARG B 88 -22.33 9.23 17.69
C ARG B 88 -22.38 7.83 18.32
N ILE B 89 -21.39 7.00 18.02
CA ILE B 89 -21.30 5.64 18.60
C ILE B 89 -21.08 5.73 20.10
N ALA B 90 -20.13 6.57 20.49
CA ALA B 90 -19.80 6.78 21.90
C ALA B 90 -20.99 7.29 22.71
N ALA B 91 -21.91 7.99 22.05
CA ALA B 91 -23.10 8.51 22.72
C ALA B 91 -24.07 7.39 23.11
N HIS B 92 -24.05 6.29 22.35
CA HIS B 92 -24.92 5.13 22.61
C HIS B 92 -24.22 3.89 23.17
N TYR B 93 -22.89 3.80 23.05
CA TYR B 93 -22.15 2.63 23.53
C TYR B 93 -20.93 3.03 24.36
N PRO B 94 -20.60 2.23 25.40
CA PRO B 94 -19.45 2.52 26.27
C PRO B 94 -18.07 2.04 25.79
N ARG B 95 -18.08 1.22 24.75
CA ARG B 95 -16.86 0.65 24.21
C ARG B 95 -17.18 -0.05 22.92
N LEU B 96 -16.12 -0.53 22.26
CA LEU B 96 -16.22 -1.36 21.08
C LEU B 96 -15.32 -2.55 21.42
N ASP B 97 -15.88 -3.76 21.39
CA ASP B 97 -15.09 -4.97 21.64
C ASP B 97 -14.49 -5.50 20.32
N GLY B 98 -15.06 -5.06 19.21
CA GLY B 98 -14.60 -5.48 17.90
C GLY B 98 -14.95 -4.49 16.80
N VAL B 99 -14.05 -4.40 15.83
CA VAL B 99 -14.23 -3.57 14.66
C VAL B 99 -13.75 -4.39 13.47
N LEU B 100 -14.67 -4.69 12.54
CA LEU B 100 -14.34 -5.39 11.33
C LEU B 100 -14.38 -4.38 10.18
N HIS B 101 -13.21 -4.06 9.63
CA HIS B 101 -13.09 -3.18 8.48
C HIS B 101 -13.23 -4.09 7.27
N ASN B 102 -14.47 -4.23 6.80
CA ASN B 102 -14.81 -5.07 5.66
C ASN B 102 -15.04 -4.27 4.37
N ALA B 103 -15.47 -3.02 4.50
CA ALA B 103 -15.73 -2.15 3.34
C ALA B 103 -14.54 -2.13 2.40
N GLY B 104 -14.82 -2.16 1.11
CA GLY B 104 -13.75 -2.11 0.10
C GLY B 104 -14.30 -1.74 -1.26
N LEU B 105 -13.43 -1.14 -2.08
CA LEU B 105 -13.74 -0.76 -3.45
C LEU B 105 -12.76 -1.52 -4.36
N LEU B 106 -13.28 -2.17 -5.40
CA LEU B 106 -12.48 -2.94 -6.34
C LEU B 106 -11.73 -2.08 -7.33
N GLY B 107 -12.42 -1.05 -7.80
CA GLY B 107 -11.86 -0.21 -8.83
C GLY B 107 -11.97 -0.98 -10.13
N GLU B 108 -11.04 -0.68 -11.03
CA GLU B 108 -10.98 -1.24 -12.36
C GLU B 108 -10.05 -2.43 -12.45
N ILE B 109 -10.49 -3.47 -13.14
CA ILE B 109 -9.65 -4.63 -13.40
C ILE B 109 -9.17 -4.41 -14.85
N GLY B 110 -7.87 -4.21 -15.01
CA GLY B 110 -7.30 -3.95 -16.31
C GLY B 110 -5.84 -3.58 -16.15
N PRO B 111 -5.11 -3.47 -17.26
CA PRO B 111 -3.67 -3.18 -17.15
C PRO B 111 -3.33 -1.80 -16.57
N SER B 113 -1.23 0.35 -17.59
CA SER B 113 -1.16 1.37 -18.63
C SER B 113 -2.50 2.06 -18.88
N GLU B 114 -3.60 1.39 -18.52
CA GLU B 114 -4.96 1.90 -18.70
C GLU B 114 -5.68 2.32 -17.42
N GLN B 115 -5.16 1.97 -16.25
CA GLN B 115 -5.83 2.30 -14.96
C GLN B 115 -6.25 3.79 -14.91
N ASP B 116 -7.54 4.04 -14.69
CA ASP B 116 -8.03 5.42 -14.59
C ASP B 116 -7.40 6.03 -13.32
N PRO B 117 -6.68 7.16 -13.44
CA PRO B 117 -6.05 7.68 -12.22
C PRO B 117 -7.02 8.12 -11.12
N GLN B 118 -8.21 8.59 -11.48
CA GLN B 118 -9.15 9.00 -10.45
C GLN B 118 -9.67 7.76 -9.70
N ILE B 119 -9.94 6.69 -10.45
CA ILE B 119 -10.45 5.46 -9.83
C ILE B 119 -9.35 4.90 -8.93
N TRP B 120 -8.10 4.95 -9.38
CA TRP B 120 -6.97 4.47 -8.58
C TRP B 120 -6.97 5.19 -7.22
N GLN B 121 -7.08 6.50 -7.29
CA GLN B 121 -7.10 7.32 -6.10
C GLN B 121 -8.31 7.03 -5.20
N ASP B 122 -9.46 6.76 -5.79
CA ASP B 122 -10.67 6.44 -5.03
C ASP B 122 -10.47 5.10 -4.27
N VAL B 123 -9.85 4.12 -4.92
CA VAL B 123 -9.59 2.81 -4.31
C VAL B 123 -8.66 2.98 -3.11
N GLN B 125 -8.27 5.72 -1.45
CA GLN B 125 -8.96 6.52 -0.45
C GLN B 125 -9.89 5.68 0.44
N VAL B 126 -10.70 4.83 -0.16
CA VAL B 126 -11.62 3.98 0.59
C VAL B 126 -10.94 2.85 1.38
N ASN B 127 -10.11 2.09 0.67
CA ASN B 127 -9.46 0.94 1.26
C ASN B 127 -8.32 1.27 2.22
N VAL B 128 -7.63 2.38 1.98
CA VAL B 128 -6.47 2.73 2.82
C VAL B 128 -6.65 3.96 3.67
N ASN B 129 -6.73 5.12 3.03
CA ASN B 129 -6.81 6.40 3.78
C ASN B 129 -7.98 6.56 4.76
N ALA B 130 -9.19 6.32 4.28
CA ALA B 130 -10.40 6.44 5.10
C ALA B 130 -10.49 5.30 6.12
N THR B 131 -9.98 4.13 5.75
CA THR B 131 -9.94 2.96 6.65
C THR B 131 -9.03 3.34 7.81
N PHE B 132 -7.90 4.00 7.51
CA PHE B 132 -6.98 4.50 8.55
C PHE B 132 -7.68 5.56 9.43
N LEU B 134 -10.83 6.15 9.93
CA LEU B 134 -11.90 5.55 10.75
C LEU B 134 -11.31 4.79 11.93
N THR B 135 -10.21 4.06 11.69
CA THR B 135 -9.51 3.34 12.72
C THR B 135 -9.05 4.31 13.81
N GLN B 136 -8.38 5.39 13.42
CA GLN B 136 -7.91 6.37 14.40
C GLN B 136 -9.07 6.89 15.27
N ALA B 137 -10.21 7.13 14.64
CA ALA B 137 -11.41 7.63 15.33
C ALA B 137 -12.01 6.63 16.34
N LEU B 138 -11.87 5.35 16.04
CA LEU B 138 -12.45 4.29 16.86
C LEU B 138 -11.53 3.67 17.89
N LEU B 139 -10.24 4.00 17.86
CA LEU B 139 -9.28 3.39 18.80
C LEU B 139 -9.63 3.66 20.28
N PRO B 140 -10.04 4.89 20.63
CA PRO B 140 -10.42 5.13 22.02
C PRO B 140 -11.51 4.15 22.49
N LEU B 141 -12.55 3.94 21.69
CA LEU B 141 -13.61 3.00 22.05
C LEU B 141 -13.07 1.57 22.15
N LEU B 142 -12.23 1.16 21.19
CA LEU B 142 -11.61 -0.18 21.21
C LEU B 142 -10.76 -0.42 22.43
N LEU B 143 -10.07 0.62 22.91
CA LEU B 143 -9.24 0.51 24.10
C LEU B 143 -10.06 0.44 25.41
N LYS B 144 -11.36 0.67 25.34
CA LYS B 144 -12.24 0.52 26.53
C LYS B 144 -12.66 -0.94 26.70
N SER B 145 -12.43 -1.77 25.68
CA SER B 145 -12.74 -3.18 25.80
C SER B 145 -11.69 -3.87 26.65
N ASP B 146 -12.07 -4.96 27.32
N ASP B 146 -12.08 -4.97 27.29
CA ASP B 146 -11.12 -5.73 28.12
CA ASP B 146 -11.16 -5.76 28.11
C ASP B 146 -10.13 -6.43 27.18
C ASP B 146 -10.16 -6.47 27.20
N ALA B 147 -10.57 -6.75 25.97
CA ALA B 147 -9.73 -7.42 24.97
C ALA B 147 -10.29 -7.18 23.58
N GLY B 148 -10.09 -5.96 23.08
CA GLY B 148 -10.61 -5.58 21.80
C GLY B 148 -9.96 -6.28 20.62
N SER B 149 -10.72 -6.48 19.55
CA SER B 149 -10.22 -7.12 18.33
C SER B 149 -10.51 -6.25 17.09
N LEU B 150 -9.45 -5.83 16.41
CA LEU B 150 -9.50 -4.99 15.23
C LEU B 150 -9.12 -5.86 14.05
N VAL B 151 -10.01 -5.97 13.07
CA VAL B 151 -9.77 -6.83 11.90
C VAL B 151 -9.89 -6.08 10.59
N PHE B 152 -8.85 -6.18 9.76
CA PHE B 152 -8.83 -5.59 8.43
C PHE B 152 -9.09 -6.71 7.41
N THR B 153 -9.51 -6.35 6.21
CA THR B 153 -9.80 -7.39 5.20
C THR B 153 -8.83 -7.26 4.04
N SER B 154 -8.07 -8.33 3.79
CA SER B 154 -7.11 -8.35 2.70
C SER B 154 -7.67 -9.13 1.52
N SER B 155 -6.80 -9.78 0.75
CA SER B 155 -7.19 -10.58 -0.42
C SER B 155 -5.99 -11.39 -0.81
N SER B 156 -6.18 -12.38 -1.67
N SER B 156 -6.18 -12.40 -1.66
CA SER B 156 -5.05 -13.17 -2.17
CA SER B 156 -5.03 -13.18 -2.14
C SER B 156 -4.02 -12.24 -2.82
C SER B 156 -4.02 -12.25 -2.84
N VAL B 157 -4.53 -11.19 -3.48
CA VAL B 157 -3.67 -10.19 -4.16
C VAL B 157 -3.00 -9.19 -3.22
N GLY B 158 -3.31 -9.27 -1.93
CA GLY B 158 -2.69 -8.45 -0.89
C GLY B 158 -1.35 -9.06 -0.45
N ARG B 159 -1.09 -10.32 -0.83
CA ARG B 159 0.19 -10.95 -0.51
C ARG B 159 0.99 -11.27 -1.77
N GLN B 160 0.32 -11.46 -2.92
CA GLN B 160 1.04 -11.69 -4.18
C GLN B 160 0.32 -10.86 -5.24
N GLY B 161 0.97 -9.83 -5.76
CA GLY B 161 0.36 -8.99 -6.80
C GLY B 161 0.11 -9.81 -8.05
N ARG B 162 -0.98 -9.54 -8.75
CA ARG B 162 -1.31 -10.23 -10.00
C ARG B 162 -1.70 -9.22 -11.08
N ALA B 163 -1.34 -9.54 -12.32
CA ALA B 163 -1.63 -8.68 -13.47
C ALA B 163 -3.08 -8.24 -13.53
N ASN B 164 -3.28 -6.97 -13.86
CA ASN B 164 -4.60 -6.33 -14.02
C ASN B 164 -5.37 -6.00 -12.74
N TRP B 165 -4.79 -6.27 -11.55
CA TRP B 165 -5.48 -5.96 -10.29
C TRP B 165 -5.07 -4.61 -9.69
N GLY B 166 -4.28 -3.86 -10.45
CA GLY B 166 -3.81 -2.54 -10.14
C GLY B 166 -4.01 -1.91 -8.78
N ALA B 167 -4.91 -0.93 -8.69
CA ALA B 167 -5.14 -0.21 -7.42
C ALA B 167 -5.61 -1.11 -6.27
N TYR B 168 -6.48 -2.06 -6.56
CA TYR B 168 -6.99 -2.95 -5.55
C TYR B 168 -5.88 -3.78 -4.89
N ALA B 169 -5.03 -4.44 -5.68
CA ALA B 169 -3.91 -5.24 -5.14
C ALA B 169 -2.98 -4.32 -4.33
N THR B 170 -2.67 -3.15 -4.88
CA THR B 170 -1.78 -2.19 -4.21
C THR B 170 -2.39 -1.79 -2.86
N SER B 171 -3.69 -1.59 -2.83
CA SER B 171 -4.41 -1.21 -1.61
C SER B 171 -4.47 -2.33 -0.57
N LYS B 172 -4.48 -3.58 -1.03
CA LYS B 172 -4.55 -4.72 -0.11
C LYS B 172 -3.16 -4.98 0.50
N PHE B 173 -2.09 -4.76 -0.27
CA PHE B 173 -0.74 -4.81 0.27
C PHE B 173 -0.65 -3.76 1.38
N ALA B 174 -1.11 -2.54 1.06
CA ALA B 174 -1.11 -1.43 2.00
C ALA B 174 -1.85 -1.80 3.30
N THR B 175 -3.00 -2.46 3.15
CA THR B 175 -3.83 -2.93 4.26
C THR B 175 -3.04 -3.82 5.21
N GLU B 176 -2.33 -4.79 4.65
CA GLU B 176 -1.52 -5.69 5.46
C GLU B 176 -0.43 -4.89 6.19
N GLY B 177 0.17 -3.90 5.53
CA GLY B 177 1.22 -3.07 6.15
C GLY B 177 0.68 -2.33 7.36
N GLN B 180 0.01 -4.57 10.32
CA GLN B 180 1.23 -4.95 11.02
C GLN B 180 1.77 -3.82 11.90
N VAL B 181 1.70 -2.58 11.41
CA VAL B 181 2.12 -1.43 12.20
C VAL B 181 1.24 -1.36 13.46
N LEU B 182 -0.08 -1.41 13.29
CA LEU B 182 -1.01 -1.37 14.43
C LEU B 182 -0.80 -2.53 15.42
N ALA B 183 -0.62 -3.74 14.90
CA ALA B 183 -0.42 -4.93 15.73
C ALA B 183 0.78 -4.75 16.64
N ASP B 184 1.87 -4.21 16.08
CA ASP B 184 3.10 -3.99 16.82
C ASP B 184 2.87 -2.91 17.91
N GLU B 185 2.21 -1.81 17.54
CA GLU B 185 1.93 -0.74 18.50
C GLU B 185 1.11 -1.21 19.72
N TYR B 186 0.17 -2.13 19.49
CA TYR B 186 -0.72 -2.64 20.55
C TYR B 186 -0.38 -4.03 21.08
N GLN B 187 0.78 -4.54 20.68
CA GLN B 187 1.28 -5.87 21.04
C GLN B 187 0.95 -6.33 22.47
N ASN B 188 1.42 -5.57 23.47
CA ASN B 188 1.23 -5.90 24.88
C ASN B 188 0.08 -5.16 25.57
N ARG B 189 -0.74 -4.48 24.76
CA ARG B 189 -1.90 -3.72 25.22
C ARG B 189 -3.18 -4.56 25.06
N SER B 190 -4.32 -4.02 25.43
CA SER B 190 -5.58 -4.79 25.39
C SER B 190 -6.10 -5.14 23.99
N LEU B 191 -5.64 -4.42 22.97
CA LEU B 191 -6.11 -4.62 21.60
C LEU B 191 -5.27 -5.56 20.72
N ARG B 192 -5.95 -6.49 20.03
CA ARG B 192 -5.25 -7.36 19.08
C ARG B 192 -5.67 -6.87 17.69
N VAL B 193 -4.78 -7.01 16.70
CA VAL B 193 -5.04 -6.52 15.35
C VAL B 193 -4.55 -7.55 14.34
N ASN B 194 -5.43 -7.95 13.42
CA ASN B 194 -5.14 -8.97 12.42
C ASN B 194 -5.90 -8.69 11.13
N CYS B 195 -5.59 -9.46 10.10
CA CYS B 195 -6.29 -9.38 8.81
C CYS B 195 -6.90 -10.73 8.53
N ILE B 196 -7.97 -10.69 7.74
CA ILE B 196 -8.61 -11.88 7.24
C ILE B 196 -8.55 -11.77 5.72
N ASN B 197 -8.10 -12.83 5.06
CA ASN B 197 -8.14 -12.94 3.60
C ASN B 197 -9.30 -13.91 3.38
N PRO B 198 -10.45 -13.43 2.92
CA PRO B 198 -11.58 -14.32 2.72
C PRO B 198 -11.43 -15.38 1.64
N GLY B 199 -10.56 -15.13 0.64
CA GLY B 199 -10.42 -16.02 -0.49
C GLY B 199 -11.61 -15.73 -1.40
N GLY B 200 -11.61 -16.29 -2.61
CA GLY B 200 -12.70 -16.11 -3.58
C GLY B 200 -14.02 -16.53 -2.93
N THR B 201 -14.94 -15.60 -2.81
CA THR B 201 -16.23 -15.81 -2.13
C THR B 201 -17.37 -15.26 -2.98
N ARG B 202 -18.54 -15.92 -2.91
CA ARG B 202 -19.70 -15.57 -3.71
C ARG B 202 -20.36 -14.23 -3.34
N THR B 203 -19.88 -13.16 -3.98
CA THR B 203 -20.38 -11.80 -3.79
C THR B 203 -20.38 -11.06 -5.13
N SER B 204 -21.04 -9.90 -5.18
CA SER B 204 -21.07 -9.13 -6.44
C SER B 204 -19.72 -8.52 -6.77
N ARG B 206 -16.78 -10.01 -6.27
CA ARG B 206 -16.05 -11.09 -6.90
C ARG B 206 -16.52 -11.35 -8.34
N ALA B 207 -17.83 -11.32 -8.54
CA ALA B 207 -18.44 -11.50 -9.87
C ALA B 207 -17.98 -10.40 -10.84
N SER B 208 -17.79 -9.18 -10.34
CA SER B 208 -17.30 -8.06 -11.15
C SER B 208 -15.82 -8.26 -11.47
N ALA B 209 -15.05 -8.81 -10.53
CA ALA B 209 -13.61 -9.06 -10.74
C ALA B 209 -13.38 -10.18 -11.76
N PHE B 210 -14.19 -11.23 -11.68
CA PHE B 210 -14.13 -12.37 -12.60
C PHE B 210 -15.49 -12.60 -13.25
N PRO B 211 -15.84 -11.79 -14.27
CA PRO B 211 -17.15 -11.95 -14.90
C PRO B 211 -17.44 -13.28 -15.57
N THR B 212 -16.41 -14.06 -15.92
CA THR B 212 -16.63 -15.36 -16.55
C THR B 212 -16.67 -16.48 -15.50
N GLU B 213 -16.32 -16.18 -14.26
CA GLU B 213 -16.32 -17.18 -13.18
C GLU B 213 -17.73 -17.69 -12.84
N ASP B 214 -17.84 -18.99 -12.54
CA ASP B 214 -19.12 -19.57 -12.13
C ASP B 214 -19.18 -19.36 -10.62
N PRO B 215 -20.06 -18.47 -10.13
CA PRO B 215 -20.04 -18.26 -8.67
C PRO B 215 -20.40 -19.49 -7.83
N GLN B 216 -21.12 -20.46 -8.41
CA GLN B 216 -21.49 -21.69 -7.70
C GLN B 216 -20.28 -22.55 -7.36
N LYS B 217 -19.13 -22.25 -7.96
CA LYS B 217 -17.86 -22.95 -7.69
C LYS B 217 -17.18 -22.36 -6.44
N LEU B 218 -17.69 -21.23 -5.93
CA LEU B 218 -17.14 -20.58 -4.77
C LEU B 218 -17.89 -20.87 -3.47
N LYS B 219 -17.20 -20.70 -2.35
CA LYS B 219 -17.80 -20.81 -1.05
C LYS B 219 -18.64 -19.54 -0.86
N THR B 220 -19.67 -19.63 -0.03
CA THR B 220 -20.53 -18.47 0.25
C THR B 220 -20.00 -17.72 1.46
N PRO B 221 -20.48 -16.47 1.68
CA PRO B 221 -20.04 -15.76 2.87
C PRO B 221 -20.34 -16.58 4.14
N ALA B 222 -21.49 -17.26 4.16
CA ALA B 222 -21.87 -18.09 5.32
C ALA B 222 -20.83 -19.19 5.58
N ASP B 223 -20.32 -19.81 4.50
CA ASP B 223 -19.30 -20.88 4.62
C ASP B 223 -17.99 -20.44 5.26
N ILE B 224 -17.60 -19.18 5.09
CA ILE B 224 -16.33 -18.69 5.63
C ILE B 224 -16.43 -17.99 6.97
N PRO B 226 -16.60 -19.17 10.12
CA PRO B 226 -15.86 -19.61 11.32
C PRO B 226 -14.67 -18.72 11.71
N LEU B 227 -13.85 -18.32 10.75
CA LEU B 227 -12.71 -17.45 11.05
C LEU B 227 -13.16 -16.10 11.58
N TYR B 228 -14.24 -15.58 10.99
CA TYR B 228 -14.81 -14.30 11.40
C TYR B 228 -15.22 -14.35 12.88
N LEU B 229 -15.84 -15.45 13.28
CA LEU B 229 -16.25 -15.65 14.67
C LEU B 229 -15.03 -15.83 15.57
N TRP B 230 -14.09 -16.66 15.12
CA TRP B 230 -12.90 -16.94 15.93
C TRP B 230 -12.12 -15.68 16.31
N LEU B 231 -11.93 -14.76 15.36
CA LEU B 231 -11.19 -13.51 15.62
C LEU B 231 -11.88 -12.55 16.56
N GLY B 233 -14.08 -13.67 19.08
CA GLY B 233 -14.29 -14.37 20.34
C GLY B 233 -13.02 -14.53 21.15
N ASP B 234 -13.13 -15.03 22.37
CA ASP B 234 -11.97 -15.17 23.28
C ASP B 234 -10.88 -16.17 22.90
N ASP B 235 -11.19 -17.12 22.02
CA ASP B 235 -10.21 -18.12 21.61
C ASP B 235 -8.98 -17.54 20.86
N SER B 236 -9.11 -16.35 20.27
CA SER B 236 -8.02 -15.71 19.55
C SER B 236 -7.33 -14.55 20.30
N ARG B 237 -7.61 -14.41 21.59
N ARG B 237 -7.63 -14.40 21.59
CA ARG B 237 -7.07 -13.27 22.34
CA ARG B 237 -7.04 -13.29 22.37
C ARG B 237 -5.54 -13.15 22.38
C ARG B 237 -5.53 -13.15 22.35
N ARG B 238 -4.81 -14.25 22.22
CA ARG B 238 -3.34 -14.17 22.21
C ARG B 238 -2.75 -13.98 20.81
N LYS B 239 -3.60 -13.85 19.79
CA LYS B 239 -3.13 -13.73 18.41
C LYS B 239 -3.24 -12.32 17.87
N THR B 240 -2.11 -11.78 17.40
CA THR B 240 -2.08 -10.45 16.83
C THR B 240 -1.02 -10.37 15.75
N GLY B 241 -1.20 -9.43 14.81
CA GLY B 241 -0.24 -9.18 13.73
C GLY B 241 -0.19 -10.19 12.61
N THR B 243 -2.15 -12.47 9.28
CA THR B 243 -3.15 -12.44 8.19
C THR B 243 -3.58 -13.90 8.13
N PHE B 244 -4.87 -14.13 8.33
CA PHE B 244 -5.46 -15.46 8.34
C PHE B 244 -6.26 -15.70 7.08
N ASP B 245 -6.07 -16.87 6.48
CA ASP B 245 -6.84 -17.23 5.28
C ASP B 245 -8.11 -17.98 5.67
N ALA B 246 -9.27 -17.49 5.21
CA ALA B 246 -10.52 -18.19 5.47
C ALA B 246 -10.59 -19.48 4.65
N GLN B 247 -9.83 -19.55 3.54
CA GLN B 247 -9.81 -20.72 2.65
C GLN B 247 -8.37 -21.08 2.31
N PRO B 248 -7.60 -21.57 3.30
CA PRO B 248 -6.16 -21.88 3.14
C PRO B 248 -5.78 -22.75 1.94
N GLY B 249 -6.57 -23.77 1.63
CA GLY B 249 -6.25 -24.65 0.52
C GLY B 249 -6.80 -24.25 -0.84
N ARG B 250 -7.44 -23.08 -0.94
CA ARG B 250 -8.03 -22.66 -2.21
C ARG B 250 -6.97 -22.17 -3.19
N LYS B 251 -7.05 -22.69 -4.42
CA LYS B 251 -6.13 -22.30 -5.47
C LYS B 251 -6.43 -20.84 -5.82
N PRO B 252 -5.44 -19.95 -5.68
CA PRO B 252 -5.73 -18.55 -6.01
C PRO B 252 -6.13 -18.37 -7.46
N GLY B 253 -6.92 -17.35 -7.73
CA GLY B 253 -7.39 -17.09 -9.09
C GLY B 253 -8.79 -17.58 -9.36
N ILE B 254 -9.17 -17.59 -10.64
CA ILE B 254 -10.49 -17.99 -11.07
C ILE B 254 -10.78 -19.46 -10.76
N ALA B 255 -12.01 -19.73 -10.33
CA ALA B 255 -12.43 -21.10 -10.03
C ALA B 255 -12.39 -21.88 -11.33
N GLN B 256 -11.83 -23.10 -11.29
CA GLN B 256 -11.74 -23.99 -12.45
C GLN B 256 -13.02 -24.80 -12.61
#